data_7AWZ
#
_entry.id   7AWZ
#
_cell.length_a   46.443
_cell.length_b   61.952
_cell.length_c   54.059
_cell.angle_alpha   90.000
_cell.angle_beta   111.525
_cell.angle_gamma   90.000
#
_symmetry.space_group_name_H-M   'P 1 21 1'
#
loop_
_entity.id
_entity.type
_entity.pdbx_description
1 polymer Scone-E
2 non-polymer (4S)-2-METHYL-2,4-PENTANEDIOL
3 water water
#
_entity_poly.entity_id   1
_entity_poly.type   'polypeptide(L)'
_entity_poly.pdbx_seq_one_letter_code
;GSHMDGTEKWRFKTNDAITSAASIGKDGTIYFGSDKVYAINPDGTEKWNFYAGYWTVTRPAISEDGTIYVTSLDGHLYAI
NPDGTEKWRFKTEKRIESSPVIGNTDTIYFGSYDGHLYAINPDGTEKWRFKTNDAITSAASIGKDGTIYFGSDKVYAINP
DGTEKWNFYAGYWTVTRPAISEDGTIYVTSLDGHLYAINPDGTEKWRFKTEKRIESSPVIGNTDTIYFGSYDGHLYAINP
DGTEKWRFKTNDAITSAASIGKDGTIYFGSDKVYAINPDGTEKWNFYAGYWTVTRPAISEDGTIYVTSLDGHLYAINPDG
TEKWRFKTEKRIESSPVIGNTDTIYFGSYDGHLYAINP
;
_entity_poly.pdbx_strand_id   A
#
# COMPACT_ATOMS: atom_id res chain seq x y z
N ASP A 16 0.75 13.39 -13.39
CA ASP A 16 1.23 12.31 -12.54
C ASP A 16 1.95 12.81 -11.28
N ALA A 17 2.16 14.12 -11.17
CA ALA A 17 2.91 14.68 -10.04
C ALA A 17 1.96 14.89 -8.87
N ILE A 18 1.77 13.83 -8.08
CA ILE A 18 0.90 13.90 -6.91
C ILE A 18 1.72 13.48 -5.72
N THR A 19 1.06 13.24 -4.60
CA THR A 19 1.75 12.94 -3.35
C THR A 19 1.45 11.50 -2.99
N SER A 20 2.48 10.79 -2.54
CA SER A 20 2.30 9.42 -2.11
C SER A 20 1.53 9.33 -0.79
N ALA A 21 1.05 8.12 -0.49
CA ALA A 21 0.60 7.81 0.88
C ALA A 21 1.78 7.80 1.85
N ALA A 22 1.45 7.98 3.11
CA ALA A 22 2.47 8.04 4.16
C ALA A 22 2.89 6.66 4.63
N SER A 23 4.15 6.59 5.07
N SER A 23 4.13 6.59 5.14
CA SER A 23 4.68 5.44 5.79
CA SER A 23 4.63 5.40 5.80
C SER A 23 5.18 5.91 7.16
C SER A 23 5.40 5.79 7.06
N ILE A 24 5.28 4.97 8.09
CA ILE A 24 5.81 5.26 9.42
C ILE A 24 7.01 4.36 9.71
N GLY A 25 8.14 4.98 10.04
CA GLY A 25 9.29 4.21 10.51
C GLY A 25 9.09 3.67 11.92
N LYS A 26 9.99 2.75 12.31
CA LYS A 26 9.87 2.14 13.63
C LYS A 26 10.14 3.12 14.76
N ASP A 27 10.86 4.21 14.48
CA ASP A 27 11.09 5.28 15.44
C ASP A 27 10.05 6.39 15.38
N GLY A 28 8.99 6.21 14.60
CA GLY A 28 7.87 7.15 14.55
C GLY A 28 7.99 8.25 13.51
N THR A 29 9.11 8.34 12.79
CA THR A 29 9.23 9.31 11.72
C THR A 29 8.23 8.95 10.63
N ILE A 30 7.59 9.98 10.05
CA ILE A 30 6.60 9.79 8.98
C ILE A 30 7.23 10.20 7.67
N TYR A 31 7.14 9.34 6.67
CA TYR A 31 7.75 9.59 5.37
C TYR A 31 6.69 9.60 4.29
N PHE A 32 6.89 10.46 3.27
CA PHE A 32 6.04 10.38 2.08
C PHE A 32 6.83 10.95 0.91
N GLY A 33 6.38 10.67 -0.29
CA GLY A 33 7.06 11.12 -1.50
C GLY A 33 6.21 12.09 -2.27
N SER A 34 6.87 13.08 -2.85
N SER A 34 6.86 13.11 -2.82
CA SER A 34 6.21 14.02 -3.74
CA SER A 34 6.20 13.96 -3.83
C SER A 34 7.28 14.57 -4.68
C SER A 34 7.29 14.56 -4.70
N ASP A 35 7.47 15.88 -4.67
CA ASP A 35 8.60 16.46 -5.42
C ASP A 35 9.93 16.03 -4.81
N LYS A 36 9.94 15.70 -3.53
CA LYS A 36 11.09 15.14 -2.84
C LYS A 36 10.54 14.07 -1.91
N VAL A 37 11.43 13.32 -1.27
CA VAL A 37 11.05 12.42 -0.18
C VAL A 37 11.15 13.22 1.11
N TYR A 38 10.05 13.30 1.86
CA TYR A 38 9.99 14.08 3.09
C TYR A 38 10.02 13.16 4.29
N ALA A 39 10.87 13.48 5.27
CA ALA A 39 10.85 12.82 6.57
C ALA A 39 10.36 13.83 7.59
N ILE A 40 9.26 13.50 8.27
CA ILE A 40 8.59 14.39 9.22
C ILE A 40 8.68 13.78 10.64
N ASN A 41 9.14 14.59 11.59
CA ASN A 41 9.15 14.14 12.98
C ASN A 41 7.73 13.97 13.51
N PRO A 42 7.58 13.16 14.55
CA PRO A 42 6.25 12.97 15.15
C PRO A 42 5.60 14.25 15.60
N ASP A 43 6.35 15.31 15.88
CA ASP A 43 5.74 16.58 16.28
C ASP A 43 5.29 17.44 15.09
N GLY A 44 5.43 16.95 13.86
CA GLY A 44 4.98 17.70 12.71
C GLY A 44 6.03 18.56 12.03
N THR A 45 7.24 18.63 12.56
CA THR A 45 8.29 19.43 11.95
C THR A 45 9.09 18.58 10.97
N GLU A 46 9.60 19.22 9.93
CA GLU A 46 10.36 18.48 8.93
C GLU A 46 11.72 18.06 9.50
N LYS A 47 12.05 16.79 9.33
CA LYS A 47 13.37 16.29 9.73
C LYS A 47 14.38 16.50 8.61
N TRP A 48 14.04 16.11 7.39
CA TRP A 48 14.86 16.37 6.21
C TRP A 48 14.02 16.11 4.96
N ASN A 49 14.58 16.45 3.81
CA ASN A 49 14.00 16.03 2.54
C ASN A 49 15.12 15.57 1.63
N PHE A 50 14.74 14.75 0.66
CA PHE A 50 15.71 14.06 -0.19
C PHE A 50 15.23 14.14 -1.63
N TYR A 51 16.12 14.59 -2.52
CA TYR A 51 15.80 14.65 -3.94
C TYR A 51 16.02 13.29 -4.58
N ALA A 52 14.94 12.68 -5.06
CA ALA A 52 14.95 11.34 -5.65
C ALA A 52 14.60 11.41 -7.14
N GLY A 53 15.11 12.39 -7.85
CA GLY A 53 14.71 12.51 -9.24
C GLY A 53 13.41 13.28 -9.41
N TYR A 54 12.89 13.20 -10.64
CA TYR A 54 11.69 13.95 -11.04
C TYR A 54 10.60 14.02 -9.99
N TRP A 55 10.14 12.87 -9.48
CA TRP A 55 8.97 12.83 -8.62
C TRP A 55 8.83 11.41 -8.11
N THR A 56 8.33 11.29 -6.87
N THR A 56 8.26 11.25 -6.91
CA THR A 56 7.99 10.01 -6.26
CA THR A 56 8.03 9.92 -6.35
C THR A 56 6.49 9.99 -5.98
C THR A 56 6.61 9.86 -5.82
N VAL A 57 5.81 8.90 -6.33
CA VAL A 57 4.38 8.79 -6.07
C VAL A 57 4.06 7.57 -5.21
N THR A 58 5.09 6.89 -4.75
CA THR A 58 5.01 5.60 -4.08
C THR A 58 5.32 5.75 -2.59
N ARG A 59 4.90 4.76 -1.84
CA ARG A 59 5.04 4.80 -0.39
C ARG A 59 6.46 4.37 0.00
N PRO A 60 7.20 5.15 0.80
CA PRO A 60 8.52 4.68 1.23
C PRO A 60 8.40 3.43 2.08
N ALA A 61 9.43 2.61 2.03
CA ALA A 61 9.56 1.45 2.91
C ALA A 61 10.74 1.65 3.84
N ILE A 62 10.61 1.16 5.08
CA ILE A 62 11.65 1.37 6.10
C ILE A 62 12.03 0.03 6.68
N SER A 63 13.32 -0.26 6.67
CA SER A 63 13.85 -1.55 7.10
C SER A 63 14.10 -1.53 8.61
N GLU A 64 14.41 -2.72 9.15
CA GLU A 64 14.74 -2.87 10.56
C GLU A 64 15.82 -1.89 10.99
N ASP A 65 16.86 -1.76 10.16
CA ASP A 65 18.00 -0.96 10.56
C ASP A 65 17.80 0.52 10.24
N GLY A 66 16.63 0.88 9.73
CA GLY A 66 16.29 2.27 9.55
C GLY A 66 16.50 2.79 8.16
N THR A 67 17.01 1.97 7.25
CA THR A 67 17.15 2.40 5.86
C THR A 67 15.78 2.65 5.24
N ILE A 68 15.68 3.73 4.48
CA ILE A 68 14.44 4.10 3.82
C ILE A 68 14.61 3.82 2.33
N TYR A 69 13.68 3.07 1.77
CA TYR A 69 13.70 2.74 0.36
C TYR A 69 12.58 3.46 -0.36
N VAL A 70 12.91 4.03 -1.51
CA VAL A 70 11.97 4.81 -2.31
C VAL A 70 12.12 4.45 -3.78
N THR A 71 11.00 4.21 -4.46
CA THR A 71 10.99 4.03 -5.91
C THR A 71 10.51 5.32 -6.57
N SER A 72 11.20 5.74 -7.61
CA SER A 72 10.95 7.04 -8.22
C SER A 72 10.41 6.93 -9.63
N LEU A 73 9.68 7.97 -10.05
CA LEU A 73 9.31 8.05 -11.47
C LEU A 73 10.54 8.22 -12.36
N ASP A 74 11.70 8.54 -11.77
CA ASP A 74 12.92 8.60 -12.57
C ASP A 74 13.52 7.22 -12.81
N GLY A 75 12.87 6.16 -12.33
CA GLY A 75 13.29 4.81 -12.62
C GLY A 75 14.29 4.19 -11.66
N HIS A 76 14.66 4.85 -10.58
CA HIS A 76 15.59 4.29 -9.60
C HIS A 76 14.84 3.81 -8.36
N LEU A 77 15.37 2.75 -7.77
CA LEU A 77 15.21 2.44 -6.35
C LEU A 77 16.33 3.15 -5.60
N TYR A 78 15.96 4.02 -4.67
CA TYR A 78 16.91 4.68 -3.79
C TYR A 78 16.90 4.05 -2.41
N ALA A 79 18.09 3.87 -1.85
CA ALA A 79 18.23 3.56 -0.43
C ALA A 79 18.78 4.81 0.26
N ILE A 80 18.12 5.22 1.34
CA ILE A 80 18.42 6.46 2.04
C ILE A 80 18.73 6.14 3.48
N ASN A 81 19.86 6.65 3.98
CA ASN A 81 20.20 6.49 5.39
C ASN A 81 19.23 7.27 6.27
N PRO A 82 19.14 6.89 7.54
CA PRO A 82 18.21 7.59 8.45
C PRO A 82 18.43 9.09 8.54
N ASP A 83 19.64 9.59 8.26
CA ASP A 83 19.92 11.02 8.28
C ASP A 83 19.61 11.72 6.97
N GLY A 84 19.01 11.03 5.99
CA GLY A 84 18.61 11.67 4.77
C GLY A 84 19.66 11.68 3.68
N THR A 85 20.81 11.07 3.90
CA THR A 85 21.83 10.96 2.86
C THR A 85 21.62 9.70 2.03
N GLU A 86 22.09 9.73 0.80
CA GLU A 86 21.92 8.57 -0.06
C GLU A 86 22.88 7.46 0.33
N LYS A 87 22.35 6.26 0.46
CA LYS A 87 23.16 5.06 0.65
C LYS A 87 23.57 4.47 -0.69
N TRP A 88 22.62 4.24 -1.59
CA TRP A 88 22.90 3.79 -2.95
C TRP A 88 21.65 3.99 -3.77
N ARG A 89 21.78 3.74 -5.08
CA ARG A 89 20.65 3.75 -5.98
C ARG A 89 20.77 2.57 -6.94
N PHE A 90 19.62 2.01 -7.32
CA PHE A 90 19.54 0.94 -8.31
C PHE A 90 18.74 1.43 -9.50
N LYS A 91 19.31 1.29 -10.71
CA LYS A 91 18.78 1.92 -11.91
C LYS A 91 17.99 0.95 -12.77
N THR A 92 16.79 1.38 -13.19
CA THR A 92 16.03 0.77 -14.27
C THR A 92 15.79 1.83 -15.34
N GLU A 93 15.24 1.38 -16.49
CA GLU A 93 15.07 2.27 -17.63
C GLU A 93 13.65 2.79 -17.76
N LYS A 94 12.76 2.52 -16.81
CA LYS A 94 11.34 2.87 -16.91
C LYS A 94 10.86 3.44 -15.59
N ARG A 95 9.82 4.28 -15.64
CA ARG A 95 9.24 4.80 -14.41
C ARG A 95 8.80 3.66 -13.49
N ILE A 96 8.75 3.96 -12.19
CA ILE A 96 8.28 2.99 -11.19
C ILE A 96 7.11 3.61 -10.45
N GLU A 97 5.99 2.90 -10.46
CA GLU A 97 4.80 3.28 -9.71
C GLU A 97 4.48 2.26 -8.63
N SER A 98 5.34 1.26 -8.46
CA SER A 98 5.19 0.20 -7.48
C SER A 98 6.01 0.54 -6.23
N SER A 99 5.35 0.61 -5.07
CA SER A 99 6.01 0.91 -3.83
C SER A 99 6.89 -0.28 -3.43
N PRO A 100 8.09 -0.03 -2.91
CA PRO A 100 8.98 -1.13 -2.51
C PRO A 100 8.43 -1.83 -1.27
N VAL A 101 8.71 -3.12 -1.18
N VAL A 101 8.75 -3.12 -1.15
CA VAL A 101 8.40 -3.87 0.03
CA VAL A 101 8.37 -3.90 0.03
C VAL A 101 9.67 -4.59 0.46
C VAL A 101 9.54 -4.77 0.44
N ILE A 102 9.79 -4.85 1.74
CA ILE A 102 10.97 -5.53 2.31
C ILE A 102 10.56 -6.92 2.76
N GLY A 103 11.37 -7.93 2.38
CA GLY A 103 11.10 -9.30 2.74
C GLY A 103 11.59 -9.62 4.12
N ASN A 104 11.42 -10.88 4.49
CA ASN A 104 11.80 -11.31 5.84
C ASN A 104 13.31 -11.27 6.04
N THR A 105 14.07 -11.18 4.96
CA THR A 105 15.53 -11.22 5.03
C THR A 105 16.18 -9.95 4.46
N ASP A 106 15.43 -8.85 4.42
CA ASP A 106 15.87 -7.51 4.02
C ASP A 106 16.08 -7.35 2.52
N THR A 107 15.66 -8.31 1.71
CA THR A 107 15.57 -8.09 0.27
C THR A 107 14.48 -7.05 -0.01
N ILE A 108 14.70 -6.22 -1.02
CA ILE A 108 13.75 -5.15 -1.40
C ILE A 108 13.15 -5.55 -2.74
N TYR A 109 11.81 -5.57 -2.81
CA TYR A 109 11.10 -5.95 -4.02
C TYR A 109 10.29 -4.79 -4.56
N PHE A 110 10.31 -4.62 -5.88
CA PHE A 110 9.43 -3.65 -6.51
C PHE A 110 9.14 -4.06 -7.95
N GLY A 111 7.99 -3.63 -8.43
CA GLY A 111 7.55 -3.92 -9.79
C GLY A 111 7.93 -2.79 -10.73
N SER A 112 8.18 -3.12 -11.99
CA SER A 112 8.65 -2.13 -12.96
C SER A 112 7.69 -1.98 -14.13
N TYR A 113 7.69 -0.78 -14.73
CA TYR A 113 7.01 -0.63 -16.00
C TYR A 113 7.68 -1.41 -17.13
N ASP A 114 8.86 -1.95 -16.91
CA ASP A 114 9.43 -2.87 -17.90
C ASP A 114 8.88 -4.29 -17.76
N GLY A 115 7.94 -4.53 -16.84
CA GLY A 115 7.30 -5.82 -16.67
C GLY A 115 7.98 -6.78 -15.71
N HIS A 116 9.11 -6.40 -15.12
CA HIS A 116 9.78 -7.31 -14.21
C HIS A 116 9.48 -6.97 -12.75
N LEU A 117 9.39 -8.00 -11.94
CA LEU A 117 9.54 -7.84 -10.48
C LEU A 117 11.02 -7.95 -10.14
N TYR A 118 11.57 -6.89 -9.55
CA TYR A 118 12.97 -6.87 -9.16
C TYR A 118 13.11 -7.25 -7.70
N ALA A 119 14.13 -8.06 -7.42
CA ALA A 119 14.60 -8.30 -6.06
C ALA A 119 16.01 -7.74 -5.91
N ILE A 120 16.18 -6.82 -4.97
CA ILE A 120 17.45 -6.10 -4.77
C ILE A 120 18.00 -6.42 -3.39
N ASN A 121 19.31 -6.68 -3.32
CA ASN A 121 19.95 -6.95 -2.03
C ASN A 121 20.15 -5.64 -1.26
N PRO A 122 20.32 -5.71 0.07
CA PRO A 122 20.50 -4.48 0.86
C PRO A 122 21.73 -3.67 0.52
N ASP A 123 22.66 -4.20 -0.30
CA ASP A 123 23.80 -3.41 -0.78
C ASP A 123 23.58 -2.87 -2.18
N GLY A 124 22.34 -2.96 -2.69
CA GLY A 124 22.04 -2.39 -3.99
C GLY A 124 22.35 -3.26 -5.17
N THR A 125 22.79 -4.49 -4.96
CA THR A 125 22.99 -5.42 -6.06
C THR A 125 21.70 -6.16 -6.38
N GLU A 126 21.48 -6.40 -7.65
CA GLU A 126 20.29 -7.14 -8.08
C GLU A 126 20.47 -8.60 -7.73
N LYS A 127 19.52 -9.16 -6.97
CA LYS A 127 19.52 -10.60 -6.70
C LYS A 127 18.88 -11.36 -7.86
N TRP A 128 17.74 -10.88 -8.35
CA TRP A 128 17.14 -11.45 -9.56
C TRP A 128 16.06 -10.51 -10.06
N ARG A 129 15.50 -10.86 -11.21
CA ARG A 129 14.32 -10.21 -11.73
C ARG A 129 13.41 -11.26 -12.35
N PHE A 130 12.11 -11.08 -12.13
CA PHE A 130 11.10 -12.02 -12.59
C PHE A 130 10.32 -11.39 -13.72
N LYS A 131 10.18 -12.11 -14.82
CA LYS A 131 9.63 -11.53 -16.05
C LYS A 131 8.14 -11.81 -16.16
N THR A 132 7.36 -10.74 -16.39
CA THR A 132 5.97 -10.84 -16.80
C THR A 132 5.78 -10.00 -18.06
N ASN A 133 4.58 -10.03 -18.62
CA ASN A 133 4.33 -9.32 -19.86
C ASN A 133 3.51 -8.05 -19.68
N ASP A 134 3.44 -7.51 -18.47
CA ASP A 134 2.69 -6.28 -18.26
C ASP A 134 3.35 -5.45 -17.17
N ALA A 135 3.21 -4.15 -17.30
CA ALA A 135 3.73 -3.24 -16.28
C ALA A 135 3.15 -3.61 -14.93
N ILE A 136 3.99 -3.55 -13.91
CA ILE A 136 3.55 -3.80 -12.55
C ILE A 136 3.41 -2.44 -11.88
N THR A 137 2.20 -2.12 -11.43
CA THR A 137 1.93 -0.80 -10.87
C THR A 137 1.57 -0.81 -9.38
N SER A 138 1.55 -1.96 -8.74
CA SER A 138 1.25 -2.05 -7.32
C SER A 138 2.41 -2.75 -6.60
N ALA A 139 2.40 -2.71 -5.27
CA ALA A 139 3.47 -3.30 -4.48
C ALA A 139 3.27 -4.81 -4.34
N ALA A 140 4.36 -5.52 -4.16
CA ALA A 140 4.27 -6.92 -3.78
C ALA A 140 3.88 -7.07 -2.31
N SER A 141 3.52 -8.30 -1.92
CA SER A 141 3.25 -8.64 -0.52
C SER A 141 4.00 -9.92 -0.19
N ILE A 142 4.54 -10.00 1.03
CA ILE A 142 5.45 -11.09 1.42
C ILE A 142 4.74 -12.00 2.39
N GLY A 143 4.78 -13.31 2.10
CA GLY A 143 4.22 -14.30 3.00
C GLY A 143 5.22 -14.75 4.07
N LYS A 144 4.68 -15.46 5.08
CA LYS A 144 5.50 -15.82 6.24
C LYS A 144 6.67 -16.73 5.84
N ASP A 145 6.51 -17.56 4.80
CA ASP A 145 7.61 -18.40 4.36
C ASP A 145 8.54 -17.71 3.37
N GLY A 146 8.28 -16.45 3.03
CA GLY A 146 9.14 -15.73 2.12
C GLY A 146 8.61 -15.65 0.72
N THR A 147 7.50 -16.34 0.43
CA THR A 147 6.86 -16.24 -0.87
C THR A 147 6.49 -14.79 -1.15
N ILE A 148 6.72 -14.37 -2.39
CA ILE A 148 6.44 -12.99 -2.81
C ILE A 148 5.22 -13.03 -3.72
N TYR A 149 4.18 -12.27 -3.39
CA TYR A 149 2.97 -12.24 -4.19
C TYR A 149 2.79 -10.86 -4.81
N PHE A 150 2.35 -10.82 -6.06
CA PHE A 150 1.99 -9.52 -6.62
C PHE A 150 0.93 -9.72 -7.68
N GLY A 151 0.24 -8.62 -7.97
CA GLY A 151 -0.90 -8.65 -8.86
C GLY A 151 -0.70 -7.66 -9.99
N SER A 152 -1.04 -8.08 -11.19
CA SER A 152 -1.03 -7.16 -12.32
C SER A 152 -2.07 -7.65 -13.33
N ASP A 153 -1.61 -8.46 -14.28
CA ASP A 153 -2.51 -9.12 -15.21
C ASP A 153 -2.93 -10.50 -14.73
N LYS A 154 -2.42 -10.92 -13.58
CA LYS A 154 -2.84 -12.12 -12.85
C LYS A 154 -2.11 -12.06 -11.51
N VAL A 155 -2.36 -13.06 -10.67
CA VAL A 155 -1.72 -13.12 -9.36
C VAL A 155 -0.52 -14.06 -9.44
N TYR A 156 0.64 -13.57 -9.04
CA TYR A 156 1.85 -14.38 -9.06
C TYR A 156 2.30 -14.72 -7.66
N ALA A 157 2.78 -15.95 -7.47
CA ALA A 157 3.49 -16.32 -6.26
C ALA A 157 4.92 -16.70 -6.65
N ILE A 158 5.89 -16.01 -6.08
CA ILE A 158 7.28 -16.17 -6.45
C ILE A 158 8.07 -16.70 -5.25
N ASN A 159 8.89 -17.72 -5.49
CA ASN A 159 9.79 -18.19 -4.46
C ASN A 159 10.91 -17.18 -4.20
N PRO A 160 11.54 -17.24 -3.04
CA PRO A 160 12.65 -16.31 -2.75
C PRO A 160 13.79 -16.33 -3.76
N ASP A 161 13.97 -17.43 -4.51
CA ASP A 161 15.00 -17.45 -5.53
C ASP A 161 14.53 -16.93 -6.88
N GLY A 162 13.31 -16.41 -6.97
CA GLY A 162 12.88 -15.76 -8.18
C GLY A 162 12.21 -16.67 -9.17
N THR A 163 12.02 -17.94 -8.83
CA THR A 163 11.30 -18.85 -9.68
C THR A 163 9.82 -18.82 -9.33
N GLU A 164 8.98 -18.99 -10.33
CA GLU A 164 7.55 -18.94 -10.09
C GLU A 164 7.07 -20.15 -9.31
N LYS A 165 6.35 -19.90 -8.21
CA LYS A 165 5.71 -20.96 -7.45
C LYS A 165 4.38 -21.35 -8.08
N TRP A 166 3.52 -20.38 -8.36
CA TRP A 166 2.32 -20.56 -9.19
C TRP A 166 1.84 -19.18 -9.66
N ASN A 167 0.89 -19.21 -10.59
CA ASN A 167 0.13 -18.02 -10.94
C ASN A 167 -1.35 -18.35 -10.94
N PHE A 168 -2.16 -17.34 -10.66
CA PHE A 168 -3.60 -17.51 -10.57
C PHE A 168 -4.22 -16.56 -11.58
N TYR A 169 -4.94 -17.11 -12.53
CA TYR A 169 -5.57 -16.27 -13.54
C TYR A 169 -6.90 -15.77 -13.03
N ALA A 170 -7.09 -14.45 -13.08
CA ALA A 170 -8.24 -13.77 -12.50
C ALA A 170 -8.99 -12.96 -13.54
N GLY A 171 -8.88 -13.35 -14.81
CA GLY A 171 -9.64 -12.74 -15.87
C GLY A 171 -8.84 -11.75 -16.67
N TYR A 172 -9.59 -10.99 -17.50
CA TYR A 172 -9.02 -10.08 -18.46
C TYR A 172 -8.40 -8.84 -17.85
N TRP A 173 -8.78 -8.47 -16.62
CA TRP A 173 -8.63 -7.11 -16.16
C TRP A 173 -7.67 -7.05 -14.98
N THR A 174 -7.26 -5.83 -14.66
CA THR A 174 -6.23 -5.56 -13.66
C THR A 174 -6.61 -6.13 -12.31
N VAL A 175 -5.63 -6.75 -11.63
CA VAL A 175 -5.81 -7.19 -10.25
C VAL A 175 -4.90 -6.35 -9.38
N THR A 176 -5.33 -6.17 -8.13
CA THR A 176 -4.76 -5.23 -7.18
C THR A 176 -3.73 -5.92 -6.28
N ARG A 177 -3.18 -5.17 -5.33
CA ARG A 177 -2.16 -5.73 -4.45
C ARG A 177 -2.73 -6.84 -3.56
N PRO A 178 -2.07 -7.99 -3.45
CA PRO A 178 -2.60 -9.07 -2.61
C PRO A 178 -2.46 -8.75 -1.14
N ALA A 179 -3.45 -9.20 -0.35
CA ALA A 179 -3.38 -9.18 1.09
C ALA A 179 -3.31 -10.62 1.57
N ILE A 180 -2.41 -10.89 2.53
N ILE A 180 -2.40 -10.92 2.51
CA ILE A 180 -2.15 -12.25 3.00
CA ILE A 180 -2.19 -12.31 2.94
C ILE A 180 -2.66 -12.37 4.43
C ILE A 180 -2.56 -12.44 4.42
N SER A 181 -3.37 -13.46 4.72
CA SER A 181 -3.84 -13.69 6.08
C SER A 181 -2.88 -14.59 6.84
N GLU A 182 -3.19 -14.78 8.14
CA GLU A 182 -2.33 -15.59 9.00
C GLU A 182 -2.26 -17.03 8.52
N ASP A 183 -3.39 -17.59 8.02
CA ASP A 183 -3.34 -18.96 7.50
C ASP A 183 -2.87 -19.03 6.06
N GLY A 184 -2.47 -17.88 5.48
CA GLY A 184 -1.88 -17.93 4.17
C GLY A 184 -2.83 -17.70 3.00
N THR A 185 -4.12 -17.50 3.26
CA THR A 185 -5.05 -17.15 2.19
C THR A 185 -4.63 -15.81 1.57
N ILE A 186 -4.74 -15.72 0.25
CA ILE A 186 -4.32 -14.55 -0.51
C ILE A 186 -5.57 -13.90 -1.08
N TYR A 187 -5.75 -12.61 -0.81
CA TYR A 187 -6.93 -11.88 -1.28
C TYR A 187 -6.52 -10.82 -2.29
N VAL A 188 -7.24 -10.77 -3.41
CA VAL A 188 -7.06 -9.69 -4.39
C VAL A 188 -8.42 -9.22 -4.89
N THR A 189 -8.49 -7.96 -5.31
CA THR A 189 -9.68 -7.55 -6.03
C THR A 189 -9.33 -7.36 -7.49
N SER A 190 -10.36 -7.41 -8.34
CA SER A 190 -10.16 -7.17 -9.76
C SER A 190 -11.02 -5.98 -10.19
N LEU A 191 -10.62 -5.40 -11.33
CA LEU A 191 -11.28 -4.17 -11.79
C LEU A 191 -12.80 -4.36 -11.96
N ASP A 192 -13.25 -5.54 -12.37
CA ASP A 192 -14.66 -5.75 -12.66
C ASP A 192 -15.46 -6.15 -11.44
N GLY A 193 -14.93 -5.97 -10.23
CA GLY A 193 -15.75 -6.09 -9.05
C GLY A 193 -15.63 -7.37 -8.25
N HIS A 194 -14.64 -8.20 -8.54
CA HIS A 194 -14.47 -9.43 -7.78
C HIS A 194 -13.49 -9.25 -6.64
N LEU A 195 -13.79 -9.92 -5.53
CA LEU A 195 -12.80 -10.26 -4.51
C LEU A 195 -12.54 -11.75 -4.59
N TYR A 196 -11.28 -12.13 -4.83
CA TYR A 196 -10.91 -13.54 -4.84
C TYR A 196 -10.19 -13.86 -3.55
N ALA A 197 -10.49 -15.04 -3.00
CA ALA A 197 -9.74 -15.65 -1.92
C ALA A 197 -9.05 -16.87 -2.52
N ILE A 198 -7.72 -16.91 -2.42
CA ILE A 198 -6.87 -17.92 -3.06
C ILE A 198 -6.13 -18.70 -1.97
N ASN A 199 -6.13 -20.02 -2.09
CA ASN A 199 -5.39 -20.83 -1.13
C ASN A 199 -3.89 -20.73 -1.36
N PRO A 200 -3.07 -21.09 -0.35
CA PRO A 200 -1.61 -21.04 -0.51
C PRO A 200 -1.08 -21.89 -1.66
N ASP A 201 -1.80 -22.93 -2.06
CA ASP A 201 -1.36 -23.72 -3.20
C ASP A 201 -1.78 -23.14 -4.55
N GLY A 202 -2.40 -21.95 -4.58
CA GLY A 202 -2.75 -21.32 -5.84
C GLY A 202 -4.12 -21.65 -6.38
N THR A 203 -4.90 -22.45 -5.65
CA THR A 203 -6.26 -22.76 -6.06
C THR A 203 -7.25 -21.78 -5.44
N GLU A 204 -8.35 -21.53 -6.17
CA GLU A 204 -9.36 -20.60 -5.68
C GLU A 204 -10.07 -21.17 -4.47
N LYS A 205 -10.22 -20.35 -3.42
CA LYS A 205 -11.07 -20.75 -2.30
C LYS A 205 -12.52 -20.31 -2.51
N TRP A 206 -12.76 -19.03 -2.85
CA TRP A 206 -14.06 -18.53 -3.25
C TRP A 206 -13.87 -17.22 -3.99
N ARG A 207 -14.96 -16.72 -4.57
CA ARG A 207 -14.96 -15.39 -5.15
C ARG A 207 -16.25 -14.71 -4.71
N PHE A 208 -16.16 -13.40 -4.54
CA PHE A 208 -17.28 -12.54 -4.21
C PHE A 208 -17.43 -11.51 -5.32
N LYS A 209 -18.65 -11.38 -5.84
CA LYS A 209 -18.93 -10.45 -6.97
C LYS A 209 -19.74 -9.25 -6.50
N THR A 210 -19.37 -8.06 -6.94
CA THR A 210 -20.08 -6.83 -6.56
C THR A 210 -20.78 -6.09 -7.69
N GLU A 211 -20.40 -6.31 -8.94
CA GLU A 211 -20.95 -5.50 -10.05
C GLU A 211 -20.64 -4.00 -9.89
N LYS A 212 -19.41 -3.75 -9.44
CA LYS A 212 -18.86 -2.41 -9.21
C LYS A 212 -17.41 -2.38 -9.68
N ARG A 213 -17.00 -1.23 -10.20
CA ARG A 213 -15.61 -1.01 -10.48
C ARG A 213 -14.86 -0.97 -9.15
N ILE A 214 -13.78 -1.74 -9.06
CA ILE A 214 -12.89 -1.68 -7.88
C ILE A 214 -11.49 -1.29 -8.31
N GLU A 215 -10.98 -0.20 -7.73
CA GLU A 215 -9.58 0.15 -7.88
C GLU A 215 -8.78 -0.10 -6.61
N SER A 216 -9.46 -0.16 -5.46
N SER A 216 -9.45 -0.33 -5.49
CA SER A 216 -8.75 -0.37 -4.20
CA SER A 216 -8.79 -0.46 -4.19
C SER A 216 -8.21 -1.79 -4.13
C SER A 216 -8.40 -1.89 -3.88
N SER A 217 -7.18 -1.97 -3.24
N SER A 217 -7.20 -2.06 -3.36
CA SER A 217 -6.70 -3.28 -2.80
CA SER A 217 -6.81 -3.37 -2.89
C SER A 217 -7.38 -3.67 -1.48
C SER A 217 -7.42 -3.68 -1.53
N PRO A 218 -7.53 -4.97 -1.19
CA PRO A 218 -8.18 -5.36 0.07
C PRO A 218 -7.23 -5.30 1.26
N VAL A 219 -7.82 -5.15 2.46
CA VAL A 219 -7.07 -5.21 3.73
C VAL A 219 -7.84 -6.15 4.65
N ILE A 220 -7.10 -6.80 5.57
CA ILE A 220 -7.66 -7.81 6.47
C ILE A 220 -7.63 -7.32 7.89
N GLY A 221 -8.72 -7.53 8.61
CA GLY A 221 -8.69 -7.21 10.03
C GLY A 221 -9.91 -7.74 10.73
N ASN A 222 -9.92 -7.59 12.05
CA ASN A 222 -11.06 -7.99 12.86
C ASN A 222 -11.48 -9.43 12.55
N THR A 223 -10.62 -10.37 12.97
CA THR A 223 -10.91 -11.79 12.83
C THR A 223 -11.06 -12.19 11.36
N ASP A 224 -10.12 -11.69 10.54
CA ASP A 224 -10.01 -11.99 9.10
C ASP A 224 -11.22 -11.54 8.28
N THR A 225 -11.91 -10.48 8.73
CA THR A 225 -12.80 -9.72 7.84
C THR A 225 -11.96 -9.04 6.77
N ILE A 226 -12.45 -9.04 5.54
CA ILE A 226 -11.74 -8.41 4.41
C ILE A 226 -12.51 -7.17 3.99
N TYR A 227 -11.82 -6.04 3.87
CA TYR A 227 -12.45 -4.76 3.57
C TYR A 227 -11.88 -4.21 2.29
N PHE A 228 -12.76 -3.63 1.45
CA PHE A 228 -12.30 -2.91 0.28
C PHE A 228 -13.38 -1.90 -0.10
N GLY A 229 -12.92 -0.81 -0.70
CA GLY A 229 -13.80 0.23 -1.24
C GLY A 229 -14.06 0.05 -2.73
N SER A 230 -15.30 0.23 -3.12
CA SER A 230 -15.62 0.31 -4.54
C SER A 230 -15.44 1.75 -5.03
N TYR A 231 -15.17 1.87 -6.34
CA TYR A 231 -14.88 3.17 -6.91
C TYR A 231 -16.02 4.13 -6.69
N ASP A 232 -17.25 3.63 -6.56
CA ASP A 232 -18.40 4.51 -6.41
C ASP A 232 -18.71 4.86 -4.97
N GLY A 233 -17.85 4.47 -4.02
CA GLY A 233 -17.95 5.00 -2.67
C GLY A 233 -18.47 4.08 -1.60
N HIS A 234 -18.57 2.78 -1.85
CA HIS A 234 -19.05 1.83 -0.85
C HIS A 234 -17.83 1.13 -0.24
N LEU A 235 -17.78 1.08 1.08
CA LEU A 235 -16.81 0.23 1.77
C LEU A 235 -17.46 -1.10 2.09
N TYR A 236 -16.94 -2.17 1.49
CA TYR A 236 -17.44 -3.52 1.73
C TYR A 236 -16.66 -4.18 2.85
N ALA A 237 -17.38 -4.88 3.74
CA ALA A 237 -16.77 -5.78 4.71
C ALA A 237 -17.25 -7.17 4.36
N ILE A 238 -16.30 -8.10 4.11
CA ILE A 238 -16.62 -9.45 3.66
C ILE A 238 -16.14 -10.45 4.73
N ASN A 239 -17.01 -11.38 5.13
CA ASN A 239 -16.56 -12.41 6.06
C ASN A 239 -15.57 -13.35 5.37
N PRO A 240 -14.71 -14.02 6.14
CA PRO A 240 -13.72 -14.94 5.54
C PRO A 240 -14.34 -16.16 4.89
N ASP A 241 -15.64 -16.39 5.03
CA ASP A 241 -16.26 -17.44 4.26
C ASP A 241 -16.80 -16.94 2.92
N GLY A 242 -16.58 -15.67 2.59
CA GLY A 242 -17.02 -15.16 1.34
C GLY A 242 -18.38 -14.50 1.37
N THR A 243 -19.04 -14.43 2.53
CA THR A 243 -20.33 -13.76 2.62
C THR A 243 -20.13 -12.30 3.03
N GLU A 244 -20.99 -11.44 2.52
CA GLU A 244 -20.91 -10.02 2.86
C GLU A 244 -21.32 -9.80 4.31
N LYS A 245 -20.52 -9.04 5.05
CA LYS A 245 -20.92 -8.66 6.40
C LYS A 245 -21.72 -7.37 6.43
N TRP A 246 -21.25 -6.33 5.74
CA TRP A 246 -22.00 -5.09 5.58
C TRP A 246 -21.36 -4.26 4.49
N ARG A 247 -22.04 -3.17 4.12
CA ARG A 247 -21.54 -2.25 3.10
C ARG A 247 -21.85 -0.83 3.58
N PHE A 248 -20.81 -0.03 3.79
CA PHE A 248 -20.97 1.36 4.23
C PHE A 248 -20.96 2.31 3.04
N LYS A 249 -21.93 3.22 2.99
CA LYS A 249 -22.07 4.11 1.84
C LYS A 249 -21.49 5.48 2.14
N THR A 250 -20.61 5.95 1.26
CA THR A 250 -20.26 7.36 1.14
C THR A 250 -20.68 7.85 -0.23
N ASN A 251 -20.65 9.16 -0.42
CA ASN A 251 -20.93 9.65 -1.76
C ASN A 251 -19.70 10.25 -2.41
N ASP A 252 -18.56 9.54 -2.34
CA ASP A 252 -17.30 9.97 -2.96
C ASP A 252 -16.48 8.73 -3.35
N ALA A 253 -15.61 8.88 -4.35
CA ALA A 253 -14.89 7.73 -4.87
C ALA A 253 -13.87 7.19 -3.86
N ILE A 254 -13.74 5.86 -3.81
CA ILE A 254 -12.67 5.24 -3.03
C ILE A 254 -11.71 4.58 -4.02
N THR A 255 -10.42 4.94 -3.95
CA THR A 255 -9.44 4.36 -4.85
C THR A 255 -8.27 3.72 -4.12
N SER A 256 -8.19 3.85 -2.81
CA SER A 256 -7.07 3.29 -2.08
C SER A 256 -7.56 2.26 -1.06
N ALA A 257 -6.61 1.53 -0.50
CA ALA A 257 -6.92 0.55 0.53
C ALA A 257 -7.22 1.19 1.88
N ALA A 258 -8.03 0.51 2.68
CA ALA A 258 -8.26 0.92 4.05
C ALA A 258 -7.10 0.46 4.95
N SER A 259 -7.11 0.96 6.18
CA SER A 259 -6.13 0.57 7.18
C SER A 259 -6.85 0.27 8.49
N ILE A 260 -6.36 -0.72 9.25
CA ILE A 260 -7.06 -1.18 10.43
C ILE A 260 -6.28 -0.78 11.68
N GLY A 261 -6.99 -0.18 12.64
CA GLY A 261 -6.37 0.23 13.88
C GLY A 261 -6.32 -0.91 14.88
N LYS A 262 -5.66 -0.62 16.01
CA LYS A 262 -5.45 -1.66 17.01
C LYS A 262 -6.77 -2.12 17.61
N ASP A 263 -7.76 -1.22 17.73
CA ASP A 263 -9.05 -1.60 18.29
C ASP A 263 -10.03 -2.04 17.21
N GLY A 264 -9.57 -2.27 16.00
CA GLY A 264 -10.41 -2.75 14.94
C GLY A 264 -11.05 -1.67 14.10
N THR A 265 -10.88 -0.41 14.45
CA THR A 265 -11.43 0.66 13.63
C THR A 265 -10.88 0.56 12.23
N ILE A 266 -11.73 0.82 11.23
CA ILE A 266 -11.36 0.74 9.81
C ILE A 266 -11.28 2.17 9.29
N TYR A 267 -10.13 2.57 8.79
CA TYR A 267 -9.92 3.93 8.34
C TYR A 267 -9.72 3.93 6.84
N PHE A 268 -10.30 4.90 6.14
CA PHE A 268 -9.96 5.02 4.72
C PHE A 268 -10.08 6.49 4.33
N GLY A 269 -9.39 6.84 3.25
CA GLY A 269 -9.38 8.20 2.74
C GLY A 269 -10.07 8.25 1.38
N SER A 270 -10.84 9.31 1.18
CA SER A 270 -11.38 9.56 -0.14
C SER A 270 -11.44 11.07 -0.24
N ASP A 271 -12.64 11.62 -0.20
CA ASP A 271 -12.76 13.08 -0.07
C ASP A 271 -12.33 13.55 1.30
N LYS A 272 -12.49 12.72 2.33
CA LYS A 272 -12.01 13.00 3.66
C LYS A 272 -11.60 11.67 4.28
N VAL A 273 -11.27 11.69 5.56
CA VAL A 273 -10.87 10.49 6.28
C VAL A 273 -12.07 9.97 7.07
N TYR A 274 -12.40 8.69 6.88
CA TYR A 274 -13.51 8.06 7.58
C TYR A 274 -12.95 7.05 8.58
N ALA A 275 -13.51 7.04 9.80
CA ALA A 275 -13.22 6.01 10.78
C ALA A 275 -14.49 5.20 10.99
N ILE A 276 -14.46 3.92 10.64
CA ILE A 276 -15.64 3.05 10.72
C ILE A 276 -15.44 2.05 11.83
N ASN A 277 -16.48 1.85 12.66
CA ASN A 277 -16.40 0.79 13.66
C ASN A 277 -16.56 -0.57 13.01
N PRO A 278 -16.05 -1.64 13.65
CA PRO A 278 -16.23 -3.00 13.10
C PRO A 278 -17.67 -3.36 12.78
N ASP A 279 -18.64 -2.79 13.50
CA ASP A 279 -20.05 -3.10 13.22
C ASP A 279 -20.61 -2.31 12.04
N GLY A 280 -19.81 -1.50 11.36
CA GLY A 280 -20.29 -0.80 10.18
C GLY A 280 -20.86 0.58 10.42
N THR A 281 -20.90 1.05 11.67
CA THR A 281 -21.31 2.42 11.94
C THR A 281 -20.12 3.35 11.87
N GLU A 282 -20.37 4.59 11.44
CA GLU A 282 -19.30 5.59 11.42
C GLU A 282 -18.91 6.01 12.83
N LYS A 283 -17.61 5.96 13.12
CA LYS A 283 -17.08 6.51 14.36
C LYS A 283 -16.90 8.03 14.27
N TRP A 284 -16.22 8.49 13.23
CA TRP A 284 -16.11 9.92 12.92
C TRP A 284 -15.62 10.06 11.49
N ASN A 285 -15.67 11.30 11.00
CA ASN A 285 -14.94 11.63 9.80
C ASN A 285 -14.15 12.90 10.08
N PHE A 286 -13.11 13.09 9.27
CA PHE A 286 -12.18 14.20 9.45
C PHE A 286 -11.94 14.88 8.12
N TYR A 287 -12.19 16.18 8.06
CA TYR A 287 -11.95 16.94 6.83
C TYR A 287 -10.46 17.26 6.68
N ALA A 288 -9.89 16.97 5.52
CA ALA A 288 -8.45 17.14 5.30
C ALA A 288 -8.22 17.75 3.93
N GLY A 289 -8.81 18.92 3.68
CA GLY A 289 -8.58 19.64 2.42
C GLY A 289 -9.57 19.33 1.32
N TYR A 290 -9.48 20.13 0.26
CA TYR A 290 -10.36 20.11 -0.94
C TYR A 290 -9.87 19.05 -1.92
N TRP A 291 -8.61 18.65 -1.80
CA TRP A 291 -8.17 17.56 -2.69
C TRP A 291 -8.42 16.25 -1.93
N THR A 292 -8.36 15.17 -2.64
CA THR A 292 -8.53 13.79 -2.07
C THR A 292 -7.34 13.34 -1.19
N VAL A 293 -7.63 12.48 -0.21
CA VAL A 293 -6.55 11.99 0.70
C VAL A 293 -6.15 10.56 0.31
N THR A 294 -4.96 10.17 0.74
CA THR A 294 -4.38 8.83 0.44
C THR A 294 -4.71 7.84 1.56
N ARG A 295 -4.10 6.67 1.50
CA ARG A 295 -4.37 5.60 2.46
C ARG A 295 -3.86 5.97 3.85
N PRO A 296 -4.69 5.91 4.88
CA PRO A 296 -4.22 6.21 6.24
C PRO A 296 -3.11 5.28 6.72
N ALA A 297 -2.13 5.87 7.38
CA ALA A 297 -1.09 5.13 8.07
C ALA A 297 -1.28 5.32 9.57
N ILE A 298 -1.30 4.23 10.33
N ILE A 298 -1.26 4.22 10.32
CA ILE A 298 -1.65 4.30 11.75
CA ILE A 298 -1.61 4.20 11.74
C ILE A 298 -0.43 3.99 12.60
C ILE A 298 -0.35 4.00 12.57
N SER A 299 -0.11 4.89 13.51
CA SER A 299 1.00 4.71 14.44
C SER A 299 0.63 3.72 15.55
N GLU A 300 1.67 3.24 16.22
CA GLU A 300 1.48 2.42 17.41
C GLU A 300 0.77 3.18 18.52
N ASP A 301 0.92 4.51 18.57
CA ASP A 301 0.28 5.32 19.58
C ASP A 301 -1.14 5.76 19.19
N GLY A 302 -1.64 5.27 18.06
CA GLY A 302 -3.00 5.57 17.64
C GLY A 302 -3.14 6.72 16.69
N THR A 303 -2.10 7.53 16.49
CA THR A 303 -2.19 8.63 15.55
C THR A 303 -2.42 8.08 14.13
N ILE A 304 -3.29 8.77 13.39
CA ILE A 304 -3.60 8.42 12.00
C ILE A 304 -2.99 9.50 11.11
N TYR A 305 -2.21 9.11 10.12
CA TYR A 305 -1.62 10.04 9.19
C TYR A 305 -2.20 9.84 7.80
N VAL A 306 -2.52 10.93 7.11
CA VAL A 306 -2.92 10.87 5.71
C VAL A 306 -2.24 12.02 5.00
N THR A 307 -1.95 11.84 3.72
CA THR A 307 -1.53 12.94 2.86
C THR A 307 -2.65 13.35 1.91
N SER A 308 -2.61 14.62 1.52
CA SER A 308 -3.45 15.09 0.43
C SER A 308 -2.64 15.04 -0.85
N LEU A 309 -3.33 15.06 -1.98
CA LEU A 309 -2.60 14.94 -3.24
C LEU A 309 -1.68 16.13 -3.50
N ASP A 310 -1.98 17.28 -2.92
CA ASP A 310 -1.20 18.50 -3.10
C ASP A 310 -0.15 18.71 -2.02
N GLY A 311 0.29 17.65 -1.35
CA GLY A 311 1.50 17.72 -0.57
C GLY A 311 1.32 18.12 0.88
N HIS A 312 0.13 17.93 1.43
CA HIS A 312 -0.10 18.15 2.86
C HIS A 312 -0.08 16.82 3.59
N LEU A 313 0.45 16.83 4.81
CA LEU A 313 0.44 15.68 5.68
C LEU A 313 -0.36 16.04 6.92
N TYR A 314 -1.38 15.25 7.23
CA TYR A 314 -2.22 15.47 8.40
C TYR A 314 -1.99 14.38 9.44
N ALA A 315 -1.89 14.80 10.70
CA ALA A 315 -1.83 13.91 11.84
C ALA A 315 -3.14 14.06 12.62
N ILE A 316 -3.84 12.95 12.81
CA ILE A 316 -5.19 12.93 13.38
C ILE A 316 -5.16 12.08 14.63
N ASN A 317 -5.73 12.61 15.73
CA ASN A 317 -5.84 11.85 16.97
C ASN A 317 -6.91 10.76 16.82
N PRO A 318 -6.83 9.70 17.66
CA PRO A 318 -7.84 8.63 17.62
C PRO A 318 -9.28 9.11 17.77
N ASP A 319 -9.50 10.31 18.35
CA ASP A 319 -10.84 10.83 18.49
C ASP A 319 -11.30 11.67 17.28
N GLY A 320 -10.48 11.78 16.23
CA GLY A 320 -10.89 12.47 15.03
C GLY A 320 -10.52 13.94 14.95
N THR A 321 -9.90 14.50 15.97
CA THR A 321 -9.44 15.88 15.95
C THR A 321 -8.04 15.97 15.37
N GLU A 322 -7.75 17.11 14.77
CA GLU A 322 -6.45 17.33 14.16
C GLU A 322 -5.38 17.43 15.26
N LYS A 323 -4.27 16.75 15.04
CA LYS A 323 -3.11 16.94 15.91
C LYS A 323 -2.17 17.98 15.32
N TRP A 324 -1.87 17.89 14.04
CA TRP A 324 -1.12 18.92 13.33
C TRP A 324 -1.24 18.65 11.84
N ARG A 325 -0.75 19.60 11.06
CA ARG A 325 -0.64 19.49 9.62
C ARG A 325 0.69 20.06 9.18
N PHE A 326 1.24 19.49 8.12
CA PHE A 326 2.52 19.88 7.56
C PHE A 326 2.30 20.12 6.06
N LYS A 327 2.83 21.22 5.53
CA LYS A 327 2.69 21.47 4.11
C LYS A 327 4.07 21.52 3.45
N THR A 328 4.20 20.89 2.29
CA THR A 328 5.48 20.97 1.57
C THR A 328 5.64 22.36 0.96
#